data_1N83
#
_entry.id   1N83
#
_cell.length_a   54.800
_cell.length_b   49.700
_cell.length_c   60.500
_cell.angle_alpha   90.00
_cell.angle_beta   98.40
_cell.angle_gamma   90.00
#
_symmetry.space_group_name_H-M   'P 1 21 1'
#
loop_
_entity.id
_entity.type
_entity.pdbx_description
1 polymer 'Nuclear receptor ROR-alpha'
2 non-polymer CHOLESTEROL
3 water water
#
_entity_poly.entity_id   1
_entity_poly.type   'polypeptide(L)'
_entity_poly.pdbx_seq_one_letter_code
;GSSHHHHHHLEVLFQGPAELEHLAQNISKSHLETCQYLREELQQITWQTFLQEEIENYQNKQREVMWQLCAIKITEAIQY
VVEFAKRIDGFMELCQNDQIVLLKAGSLEVVFIRMCRAFDSQNNTVYFDGKYASPDVFKSLGCEDFISFVFEFGKSLCSM
HLTEDEIALFSAFVLMSADRSWLQEKVKIEKLQQKIQLALQHVLQKNHREDGILTKLICKVSTLRALCGRHTEKLMAFKA
IYPDIVRLHFPPLYKELFTSEFEPAMQIDG
;
_entity_poly.pdbx_strand_id   A
#
loop_
_chem_comp.id
_chem_comp.type
_chem_comp.name
_chem_comp.formula
CLR non-polymer CHOLESTEROL 'C27 H46 O'
#
# COMPACT_ATOMS: atom_id res chain seq x y z
N HIS A 8 11.41 5.12 39.22
CA HIS A 8 11.37 3.64 39.03
C HIS A 8 9.93 3.10 39.08
N HIS A 9 9.31 3.16 40.25
CA HIS A 9 7.89 2.90 40.38
C HIS A 9 7.00 3.60 39.34
N LEU A 10 7.26 4.85 39.01
CA LEU A 10 6.47 5.51 37.97
C LEU A 10 6.69 4.84 36.64
N GLU A 11 7.95 4.54 36.34
CA GLU A 11 8.31 3.88 35.08
C GLU A 11 7.54 2.57 34.93
N VAL A 12 7.42 1.83 36.03
CA VAL A 12 6.67 0.57 36.01
C VAL A 12 5.18 0.83 35.73
N LEU A 13 4.62 1.85 36.37
CA LEU A 13 3.22 2.17 36.18
C LEU A 13 2.89 2.50 34.73
N PHE A 14 3.89 2.97 33.99
CA PHE A 14 3.69 3.41 32.60
C PHE A 14 4.16 2.43 31.53
N GLN A 15 4.96 1.44 31.93
CA GLN A 15 5.57 0.50 31.00
C GLN A 15 4.66 -0.03 29.88
N GLY A 16 3.44 -0.43 30.21
CA GLY A 16 2.50 -0.97 29.24
C GLY A 16 2.16 -0.01 28.11
N PRO A 17 1.42 1.05 28.43
CA PRO A 17 1.06 2.08 27.46
C PRO A 17 2.29 2.70 26.81
N ALA A 18 3.37 2.83 27.58
CA ALA A 18 4.60 3.40 27.05
C ALA A 18 5.08 2.55 25.88
N GLU A 19 5.00 1.23 26.04
CA GLU A 19 5.43 0.31 25.00
C GLU A 19 4.59 0.47 23.74
N LEU A 20 3.27 0.59 23.93
CA LEU A 20 2.36 0.75 22.80
C LEU A 20 2.68 2.04 22.09
N GLU A 21 2.81 3.11 22.86
CA GLU A 21 3.15 4.41 22.27
C GLU A 21 4.50 4.37 21.57
N HIS A 22 5.50 3.76 22.20
CA HIS A 22 6.82 3.67 21.61
C HIS A 22 6.75 2.97 20.25
N LEU A 23 6.03 1.86 20.19
CA LEU A 23 5.90 1.12 18.92
C LEU A 23 5.09 1.91 17.89
N ALA A 24 4.09 2.64 18.35
CA ALA A 24 3.32 3.49 17.45
C ALA A 24 4.20 4.60 16.87
N GLN A 25 4.97 5.26 17.74
CA GLN A 25 5.82 6.36 17.31
C GLN A 25 6.91 5.89 16.35
N ASN A 26 7.46 4.71 16.59
CA ASN A 26 8.50 4.15 15.76
C ASN A 26 8.02 3.89 14.35
N ILE A 27 6.90 3.19 14.25
CA ILE A 27 6.32 2.86 12.94
C ILE A 27 5.84 4.13 12.25
N SER A 28 5.24 5.04 13.00
CA SER A 28 4.79 6.31 12.44
C SER A 28 5.94 7.11 11.81
N LYS A 29 7.11 7.09 12.45
CA LYS A 29 8.27 7.78 11.95
C LYS A 29 8.79 7.11 10.71
N SER A 30 8.81 5.79 10.74
CA SER A 30 9.29 5.03 9.60
C SER A 30 8.45 5.32 8.38
N HIS A 31 7.14 5.41 8.58
CA HIS A 31 6.20 5.72 7.51
C HIS A 31 6.49 7.13 6.99
N LEU A 32 6.57 8.08 7.91
CA LEU A 32 6.83 9.47 7.54
C LEU A 32 8.08 9.59 6.66
N GLU A 33 9.12 8.85 7.03
CA GLU A 33 10.41 8.94 6.38
C GLU A 33 10.53 8.11 5.10
N THR A 34 9.50 7.33 4.79
CA THR A 34 9.53 6.50 3.59
C THR A 34 8.35 6.74 2.64
N CYS A 35 7.69 7.89 2.77
CA CYS A 35 6.70 8.35 1.79
C CYS A 35 7.33 9.51 1.03
N GLN A 36 7.16 9.53 -0.29
CA GLN A 36 7.75 10.61 -1.09
C GLN A 36 7.19 11.98 -0.77
N TYR A 37 5.89 12.06 -0.48
CA TYR A 37 5.25 13.35 -0.19
C TYR A 37 4.42 13.33 1.08
N LEU A 38 4.30 14.52 1.69
CA LEU A 38 3.50 14.69 2.87
C LEU A 38 2.03 14.61 2.46
N ARG A 39 1.21 14.16 3.39
CA ARG A 39 -0.22 14.04 3.16
C ARG A 39 -0.73 15.38 2.67
N GLU A 40 -0.36 16.43 3.40
CA GLU A 40 -0.79 17.80 3.10
C GLU A 40 -0.41 18.23 1.67
N GLU A 41 0.79 17.87 1.23
CA GLU A 41 1.28 18.21 -0.11
C GLU A 41 0.40 17.58 -1.18
N LEU A 42 0.07 16.31 -1.00
CA LEU A 42 -0.78 15.61 -1.96
C LEU A 42 -2.20 16.19 -1.98
N GLN A 43 -2.72 16.53 -0.82
CA GLN A 43 -4.08 17.04 -0.73
C GLN A 43 -4.20 18.41 -1.38
N GLN A 44 -3.13 19.18 -1.32
CA GLN A 44 -3.12 20.56 -1.82
C GLN A 44 -3.25 20.63 -3.33
N ILE A 45 -2.85 19.55 -4.00
CA ILE A 45 -2.87 19.52 -5.46
C ILE A 45 -3.91 18.59 -6.11
N THR A 46 -4.92 18.16 -5.36
CA THR A 46 -5.95 17.30 -5.96
C THR A 46 -6.63 17.98 -7.15
N TRP A 47 -6.65 19.30 -7.17
CA TRP A 47 -7.24 20.00 -8.31
C TRP A 47 -6.48 19.87 -9.61
N GLN A 48 -5.21 19.49 -9.51
CA GLN A 48 -4.39 19.40 -10.68
C GLN A 48 -4.67 18.11 -11.42
N THR A 49 -5.82 17.98 -12.05
CA THR A 49 -6.15 16.79 -12.79
C THR A 49 -5.60 16.91 -14.21
N PHE A 50 -5.45 15.77 -14.87
CA PHE A 50 -5.04 15.79 -16.26
C PHE A 50 -6.05 16.54 -17.13
N LEU A 51 -5.51 17.33 -18.05
CA LEU A 51 -6.32 18.05 -19.02
C LEU A 51 -6.94 17.06 -20.00
N GLN A 52 -8.08 17.43 -20.57
CA GLN A 52 -8.76 16.52 -21.47
C GLN A 52 -7.80 15.99 -22.56
N GLU A 53 -6.92 16.83 -23.10
CA GLU A 53 -6.00 16.40 -24.15
C GLU A 53 -4.99 15.37 -23.62
N GLU A 54 -4.57 15.56 -22.36
CA GLU A 54 -3.64 14.65 -21.70
C GLU A 54 -4.31 13.29 -21.49
N ILE A 55 -5.58 13.31 -21.08
CA ILE A 55 -6.31 12.06 -20.89
C ILE A 55 -6.38 11.32 -22.23
N GLU A 56 -6.71 12.06 -23.28
CA GLU A 56 -6.78 11.50 -24.62
C GLU A 56 -5.43 10.90 -25.01
N ASN A 57 -4.34 11.56 -24.65
CA ASN A 57 -3.01 11.06 -24.97
C ASN A 57 -2.78 9.72 -24.29
N TYR A 58 -3.18 9.57 -23.03
CA TYR A 58 -3.00 8.28 -22.37
C TYR A 58 -3.86 7.19 -23.01
N GLN A 59 -5.09 7.55 -23.39
CA GLN A 59 -5.99 6.60 -24.01
C GLN A 59 -5.50 6.17 -25.38
N ASN A 60 -4.73 7.04 -26.04
CA ASN A 60 -4.16 6.71 -27.34
C ASN A 60 -2.93 5.80 -27.22
N LYS A 61 -2.39 5.63 -26.02
CA LYS A 61 -1.21 4.76 -25.87
C LYS A 61 -1.65 3.31 -26.07
N GLN A 62 -0.76 2.52 -26.67
CA GLN A 62 -1.04 1.11 -26.90
C GLN A 62 -1.04 0.38 -25.56
N ARG A 63 -1.74 -0.72 -25.49
CA ARG A 63 -1.89 -1.46 -24.24
C ARG A 63 -0.58 -1.72 -23.52
N GLU A 64 0.42 -2.21 -24.25
CA GLU A 64 1.70 -2.55 -23.64
C GLU A 64 2.45 -1.33 -23.15
N VAL A 65 2.24 -0.20 -23.83
CA VAL A 65 2.87 1.07 -23.48
C VAL A 65 2.29 1.55 -22.15
N MET A 66 0.98 1.56 -22.06
CA MET A 66 0.34 1.97 -20.81
C MET A 66 0.70 1.05 -19.66
N TRP A 67 0.76 -0.25 -19.93
CA TRP A 67 1.15 -1.23 -18.93
C TRP A 67 2.56 -0.94 -18.44
N GLN A 68 3.49 -0.71 -19.37
CA GLN A 68 4.87 -0.50 -18.95
C GLN A 68 4.98 0.73 -18.07
N LEU A 69 4.25 1.77 -18.42
CA LEU A 69 4.30 3.00 -17.64
C LEU A 69 3.77 2.76 -16.23
N CYS A 70 2.64 2.08 -16.15
CA CYS A 70 2.06 1.78 -14.85
C CYS A 70 2.99 0.91 -14.00
N ALA A 71 3.69 -0.02 -14.65
CA ALA A 71 4.62 -0.87 -13.95
C ALA A 71 5.79 -0.06 -13.41
N ILE A 72 6.28 0.90 -14.21
CA ILE A 72 7.35 1.77 -13.74
C ILE A 72 6.89 2.56 -12.51
N LYS A 73 5.71 3.14 -12.57
CA LYS A 73 5.23 3.98 -11.47
C LYS A 73 4.92 3.17 -10.20
N ILE A 74 4.38 1.96 -10.37
CA ILE A 74 4.15 1.06 -9.22
C ILE A 74 5.46 0.71 -8.57
N THR A 75 6.45 0.42 -9.39
CA THR A 75 7.75 0.02 -8.88
C THR A 75 8.38 1.11 -8.07
N GLU A 76 8.24 2.36 -8.52
CA GLU A 76 8.76 3.49 -7.75
C GLU A 76 8.15 3.50 -6.36
N ALA A 77 6.83 3.30 -6.29
CA ALA A 77 6.14 3.28 -4.99
C ALA A 77 6.61 2.11 -4.13
N ILE A 78 6.81 0.97 -4.77
CA ILE A 78 7.27 -0.23 -4.06
C ILE A 78 8.64 0.00 -3.41
N GLN A 79 9.55 0.66 -4.13
CA GLN A 79 10.85 0.97 -3.56
C GLN A 79 10.73 1.64 -2.19
N TYR A 80 9.81 2.58 -2.07
CA TYR A 80 9.58 3.26 -0.79
C TYR A 80 9.06 2.27 0.25
N VAL A 81 8.17 1.37 -0.18
CA VAL A 81 7.61 0.39 0.74
C VAL A 81 8.70 -0.54 1.23
N VAL A 82 9.66 -0.89 0.36
CA VAL A 82 10.75 -1.74 0.79
C VAL A 82 11.54 -1.04 1.91
N GLU A 83 11.77 0.27 1.76
CA GLU A 83 12.48 1.04 2.79
C GLU A 83 11.69 1.07 4.09
N PHE A 84 10.37 1.13 4.00
CA PHE A 84 9.51 1.08 5.16
C PHE A 84 9.68 -0.28 5.87
N ALA A 85 9.54 -1.36 5.10
CA ALA A 85 9.69 -2.71 5.66
C ALA A 85 11.00 -2.85 6.41
N LYS A 86 12.07 -2.35 5.82
CA LYS A 86 13.40 -2.50 6.44
C LYS A 86 13.45 -1.92 7.83
N ARG A 87 12.60 -0.93 8.09
CA ARG A 87 12.60 -0.24 9.37
C ARG A 87 11.64 -0.83 10.38
N ILE A 88 10.85 -1.81 9.99
CA ILE A 88 9.92 -2.42 10.92
C ILE A 88 10.74 -3.32 11.82
N ASP A 89 10.62 -3.12 13.12
CA ASP A 89 11.42 -3.92 14.04
C ASP A 89 11.02 -5.38 13.89
N GLY A 90 12.04 -6.22 13.73
CA GLY A 90 11.83 -7.63 13.52
C GLY A 90 12.00 -8.07 12.09
N PHE A 91 11.74 -7.18 11.14
CA PHE A 91 11.78 -7.57 9.72
C PHE A 91 13.16 -8.02 9.23
N MET A 92 14.20 -7.25 9.56
CA MET A 92 15.55 -7.58 9.15
C MET A 92 16.09 -8.83 9.88
N GLU A 93 15.48 -9.19 11.00
CA GLU A 93 15.91 -10.35 11.77
C GLU A 93 15.41 -11.66 11.16
N LEU A 94 14.40 -11.56 10.31
CA LEU A 94 13.83 -12.73 9.66
C LEU A 94 14.79 -13.27 8.63
N CYS A 95 14.69 -14.57 8.34
CA CYS A 95 15.50 -15.14 7.28
C CYS A 95 15.11 -14.44 5.98
N GLN A 96 16.07 -14.38 5.06
CA GLN A 96 15.87 -13.73 3.76
C GLN A 96 14.67 -14.31 3.03
N ASN A 97 14.47 -15.62 3.14
CA ASN A 97 13.33 -16.29 2.52
C ASN A 97 12.03 -15.63 2.95
N ASP A 98 11.87 -15.36 4.24
CA ASP A 98 10.64 -14.80 4.77
C ASP A 98 10.54 -13.31 4.43
N GLN A 99 11.67 -12.62 4.41
CA GLN A 99 11.63 -11.19 4.08
C GLN A 99 11.06 -11.08 2.68
N ILE A 100 11.54 -11.96 1.80
CA ILE A 100 11.09 -11.96 0.40
C ILE A 100 9.63 -12.35 0.29
N VAL A 101 9.20 -13.40 1.00
CA VAL A 101 7.79 -13.79 0.95
C VAL A 101 6.88 -12.64 1.39
N LEU A 102 7.26 -11.99 2.50
CA LEU A 102 6.44 -10.90 3.02
C LEU A 102 6.38 -9.74 2.05
N LEU A 103 7.50 -9.41 1.42
CA LEU A 103 7.50 -8.30 0.47
C LEU A 103 6.79 -8.66 -0.80
N LYS A 104 6.96 -9.89 -1.28
CA LYS A 104 6.26 -10.29 -2.50
C LYS A 104 4.74 -10.18 -2.34
N ALA A 105 4.24 -10.61 -1.19
CA ALA A 105 2.83 -10.60 -0.91
C ALA A 105 2.30 -9.24 -0.50
N GLY A 106 3.07 -8.51 0.29
CA GLY A 106 2.56 -7.32 0.93
C GLY A 106 2.99 -5.98 0.40
N SER A 107 4.03 -5.93 -0.42
CA SER A 107 4.51 -4.64 -0.92
C SER A 107 3.40 -3.91 -1.67
N LEU A 108 2.70 -4.59 -2.58
CA LEU A 108 1.62 -3.95 -3.32
C LEU A 108 0.41 -3.64 -2.43
N GLU A 109 0.21 -4.44 -1.39
CA GLU A 109 -0.87 -4.17 -0.45
C GLU A 109 -0.62 -2.81 0.20
N VAL A 110 0.62 -2.57 0.61
CA VAL A 110 0.96 -1.31 1.24
C VAL A 110 0.83 -0.17 0.25
N VAL A 111 1.20 -0.43 -1.00
CA VAL A 111 1.05 0.59 -2.03
C VAL A 111 -0.43 1.02 -2.12
N PHE A 112 -1.35 0.05 -2.12
CA PHE A 112 -2.77 0.38 -2.23
C PHE A 112 -3.33 1.04 -0.98
N ILE A 113 -2.72 0.77 0.18
CA ILE A 113 -3.11 1.48 1.40
C ILE A 113 -2.59 2.92 1.30
N ARG A 114 -1.34 3.07 0.93
CA ARG A 114 -0.74 4.39 0.76
C ARG A 114 -1.48 5.20 -0.30
N MET A 115 -2.12 4.52 -1.24
CA MET A 115 -2.88 5.20 -2.28
C MET A 115 -3.93 6.14 -1.68
N CYS A 116 -4.53 5.78 -0.55
CA CYS A 116 -5.61 6.60 -0.02
C CYS A 116 -5.12 8.02 0.31
N ARG A 117 -3.81 8.20 0.48
CA ARG A 117 -3.23 9.52 0.72
C ARG A 117 -3.13 10.38 -0.52
N ALA A 118 -3.14 9.73 -1.66
CA ALA A 118 -2.94 10.36 -2.93
C ALA A 118 -4.19 10.13 -3.77
N PHE A 119 -5.34 10.07 -3.10
CA PHE A 119 -6.60 9.75 -3.76
C PHE A 119 -7.61 10.82 -3.39
N ASP A 120 -8.29 11.35 -4.39
CA ASP A 120 -9.35 12.34 -4.18
C ASP A 120 -10.66 11.59 -4.24
N SER A 121 -11.25 11.31 -3.08
CA SER A 121 -12.46 10.52 -3.07
C SER A 121 -13.66 11.26 -3.65
N GLN A 122 -13.76 12.55 -3.37
CA GLN A 122 -14.87 13.34 -3.90
C GLN A 122 -14.92 13.30 -5.43
N ASN A 123 -13.76 13.26 -6.09
CA ASN A 123 -13.73 13.31 -7.54
C ASN A 123 -13.30 12.01 -8.23
N ASN A 124 -13.00 10.99 -7.43
CA ASN A 124 -12.60 9.69 -7.96
C ASN A 124 -11.37 9.79 -8.83
N THR A 125 -10.31 10.35 -8.26
CA THR A 125 -9.06 10.45 -8.99
C THR A 125 -7.89 10.04 -8.11
N VAL A 126 -6.80 9.64 -8.77
CA VAL A 126 -5.62 9.18 -8.06
C VAL A 126 -4.38 9.86 -8.63
N TYR A 127 -3.43 10.22 -7.76
CA TYR A 127 -2.19 10.89 -8.19
C TYR A 127 -1.34 9.90 -8.98
N PHE A 128 -1.08 10.22 -10.25
CA PHE A 128 -0.42 9.29 -11.17
C PHE A 128 0.32 10.06 -12.24
N ASP A 129 1.61 9.80 -12.38
CA ASP A 129 2.39 10.44 -13.42
C ASP A 129 2.31 11.97 -13.36
N GLY A 130 2.27 12.56 -12.16
CA GLY A 130 2.32 14.01 -12.03
C GLY A 130 1.03 14.71 -11.68
N LYS A 131 -0.08 14.16 -12.16
CA LYS A 131 -1.38 14.79 -11.91
C LYS A 131 -2.39 13.79 -11.38
N TYR A 132 -3.58 14.27 -11.02
CA TYR A 132 -4.65 13.40 -10.58
C TYR A 132 -5.42 12.84 -11.78
N ALA A 133 -5.46 11.52 -11.82
CA ALA A 133 -6.05 10.74 -12.91
C ALA A 133 -7.37 10.12 -12.55
N SER A 134 -8.35 10.30 -13.43
CA SER A 134 -9.60 9.57 -13.34
C SER A 134 -9.39 8.16 -13.89
N PRO A 135 -10.33 7.25 -13.69
CA PRO A 135 -10.23 5.90 -14.26
C PRO A 135 -10.00 5.89 -15.77
N ASP A 136 -10.50 6.92 -16.45
CA ASP A 136 -10.43 7.02 -17.89
C ASP A 136 -8.99 7.01 -18.39
N VAL A 137 -8.08 7.50 -17.56
CA VAL A 137 -6.67 7.60 -17.91
C VAL A 137 -6.04 6.24 -18.17
N PHE A 138 -6.63 5.21 -17.56
CA PHE A 138 -6.10 3.86 -17.61
C PHE A 138 -6.79 2.95 -18.62
N LYS A 139 -7.70 3.52 -19.42
CA LYS A 139 -8.47 2.76 -20.42
C LYS A 139 -7.63 1.81 -21.26
N SER A 140 -6.48 2.28 -21.74
CA SER A 140 -5.62 1.50 -22.64
C SER A 140 -5.09 0.18 -22.04
N LEU A 141 -5.10 0.04 -20.72
CA LEU A 141 -4.69 -1.21 -20.12
C LEU A 141 -5.58 -2.37 -20.51
N GLY A 142 -6.84 -2.07 -20.82
CA GLY A 142 -7.81 -3.12 -21.12
C GLY A 142 -8.19 -3.88 -19.86
N CYS A 143 -8.29 -3.15 -18.74
CA CYS A 143 -8.57 -3.74 -17.42
C CYS A 143 -9.63 -2.93 -16.67
N GLU A 144 -10.74 -2.61 -17.34
CA GLU A 144 -11.73 -1.73 -16.74
C GLU A 144 -12.20 -2.22 -15.37
N ASP A 145 -12.49 -3.51 -15.24
CA ASP A 145 -12.98 -4.05 -13.98
C ASP A 145 -11.94 -3.89 -12.87
N PHE A 146 -10.68 -4.17 -13.18
CA PHE A 146 -9.62 -4.06 -12.18
C PHE A 146 -9.44 -2.61 -11.76
N ILE A 147 -9.43 -1.72 -12.73
CA ILE A 147 -9.32 -0.31 -12.44
C ILE A 147 -10.50 0.15 -11.58
N SER A 148 -11.71 -0.30 -11.92
CA SER A 148 -12.87 0.05 -11.11
C SER A 148 -12.66 -0.42 -9.65
N PHE A 149 -12.11 -1.62 -9.50
CA PHE A 149 -11.83 -2.23 -8.20
C PHE A 149 -10.83 -1.35 -7.45
N VAL A 150 -9.75 -0.95 -8.12
CA VAL A 150 -8.78 -0.08 -7.48
C VAL A 150 -9.41 1.22 -6.96
N PHE A 151 -10.19 1.88 -7.79
CA PHE A 151 -10.74 3.17 -7.39
C PHE A 151 -11.80 2.97 -6.30
N GLU A 152 -12.55 1.88 -6.38
CA GLU A 152 -13.53 1.58 -5.34
C GLU A 152 -12.81 1.37 -4.01
N PHE A 153 -11.68 0.66 -4.04
CA PHE A 153 -10.88 0.47 -2.84
C PHE A 153 -10.40 1.83 -2.33
N GLY A 154 -9.91 2.68 -3.22
CA GLY A 154 -9.49 4.02 -2.85
C GLY A 154 -10.60 4.75 -2.09
N LYS A 155 -11.80 4.77 -2.68
CA LYS A 155 -12.93 5.42 -2.05
C LYS A 155 -13.25 4.80 -0.70
N SER A 156 -13.23 3.49 -0.64
CA SER A 156 -13.56 2.78 0.59
C SER A 156 -12.62 3.13 1.70
N LEU A 157 -11.32 3.06 1.41
CA LEU A 157 -10.33 3.41 2.42
C LEU A 157 -10.37 4.90 2.78
N CYS A 158 -10.55 5.78 1.80
CA CYS A 158 -10.74 7.22 2.06
C CYS A 158 -11.94 7.52 2.96
N SER A 159 -12.99 6.72 2.82
CA SER A 159 -14.20 6.94 3.60
C SER A 159 -13.92 6.88 5.11
N MET A 160 -12.78 6.30 5.48
CA MET A 160 -12.41 6.10 6.87
C MET A 160 -11.62 7.25 7.48
N HIS A 161 -11.11 8.15 6.63
CA HIS A 161 -10.33 9.29 7.08
C HIS A 161 -9.21 8.86 8.03
N LEU A 162 -8.36 7.99 7.52
CA LEU A 162 -7.22 7.49 8.27
C LEU A 162 -6.15 8.57 8.43
N THR A 163 -5.60 8.66 9.63
CA THR A 163 -4.49 9.57 9.85
C THR A 163 -3.22 8.90 9.33
N GLU A 164 -2.16 9.69 9.21
CA GLU A 164 -0.87 9.20 8.78
C GLU A 164 -0.41 8.08 9.70
N ASP A 165 -0.56 8.26 11.00
CA ASP A 165 -0.14 7.22 11.94
C ASP A 165 -0.98 5.96 11.76
N GLU A 166 -2.26 6.11 11.48
CA GLU A 166 -3.14 4.98 11.30
C GLU A 166 -2.70 4.22 10.06
N ILE A 167 -2.37 4.96 9.02
CA ILE A 167 -1.89 4.33 7.78
C ILE A 167 -0.57 3.61 8.02
N ALA A 168 0.31 4.25 8.79
CA ALA A 168 1.60 3.66 9.13
C ALA A 168 1.41 2.31 9.81
N LEU A 169 0.60 2.29 10.85
CA LEU A 169 0.39 1.07 11.60
C LEU A 169 -0.36 0.00 10.82
N PHE A 170 -1.30 0.41 9.98
CA PHE A 170 -2.09 -0.55 9.21
C PHE A 170 -1.17 -1.18 8.14
N SER A 171 -0.33 -0.34 7.55
CA SER A 171 0.67 -0.80 6.58
C SER A 171 1.60 -1.82 7.22
N ALA A 172 2.07 -1.53 8.42
CA ALA A 172 2.96 -2.47 9.11
C ALA A 172 2.23 -3.75 9.49
N PHE A 173 0.93 -3.63 9.76
CA PHE A 173 0.10 -4.78 10.11
C PHE A 173 -0.01 -5.74 8.93
N VAL A 174 -0.35 -5.23 7.73
CA VAL A 174 -0.53 -6.13 6.57
C VAL A 174 0.77 -6.65 6.03
N LEU A 175 1.86 -5.96 6.32
CA LEU A 175 3.15 -6.42 5.85
C LEU A 175 3.60 -7.61 6.68
N MET A 176 3.47 -7.47 8.00
CA MET A 176 3.91 -8.50 8.93
C MET A 176 2.79 -9.50 9.13
N SER A 177 2.37 -10.11 8.03
CA SER A 177 1.26 -11.07 8.04
C SER A 177 1.84 -12.47 8.22
N ALA A 178 1.45 -13.15 9.29
CA ALA A 178 1.96 -14.49 9.54
C ALA A 178 1.28 -15.56 8.69
N ASP A 179 0.24 -15.24 7.96
CA ASP A 179 -0.44 -16.28 7.18
C ASP A 179 -0.01 -16.34 5.71
N ARG A 180 1.00 -15.57 5.33
CA ARG A 180 1.49 -15.67 3.97
C ARG A 180 1.99 -17.09 3.71
N SER A 181 1.72 -17.61 2.52
CA SER A 181 2.22 -18.92 2.15
C SER A 181 3.74 -18.98 2.16
N TRP A 182 4.27 -20.13 2.58
CA TRP A 182 5.69 -20.43 2.47
C TRP A 182 6.58 -19.77 3.50
N LEU A 183 5.99 -19.13 4.51
CA LEU A 183 6.80 -18.57 5.59
C LEU A 183 7.39 -19.67 6.47
N GLN A 184 8.62 -19.42 6.92
CA GLN A 184 9.32 -20.32 7.82
C GLN A 184 9.07 -19.94 9.28
N GLU A 185 9.29 -18.67 9.61
CA GLU A 185 9.17 -18.18 10.99
C GLU A 185 7.79 -17.61 11.30
N LYS A 186 6.75 -18.41 11.08
CA LYS A 186 5.36 -17.98 11.29
C LYS A 186 5.09 -17.49 12.72
N VAL A 187 5.59 -18.20 13.71
CA VAL A 187 5.34 -17.82 15.09
C VAL A 187 5.97 -16.46 15.44
N LYS A 188 7.20 -16.22 15.01
CA LYS A 188 7.85 -14.95 15.28
C LYS A 188 7.07 -13.80 14.60
N ILE A 189 6.69 -14.00 13.35
CA ILE A 189 5.96 -12.97 12.62
C ILE A 189 4.62 -12.68 13.26
N GLU A 190 3.92 -13.74 13.65
CA GLU A 190 2.63 -13.59 14.32
C GLU A 190 2.75 -12.72 15.57
N LYS A 191 3.79 -12.95 16.37
CA LYS A 191 3.99 -12.18 17.59
C LYS A 191 4.25 -10.71 17.28
N LEU A 192 5.02 -10.45 16.23
CA LEU A 192 5.28 -9.07 15.81
C LEU A 192 3.99 -8.41 15.34
N GLN A 193 3.18 -9.14 14.58
CA GLN A 193 1.92 -8.57 14.09
C GLN A 193 0.96 -8.25 15.24
N GLN A 194 0.93 -9.13 16.24
CA GLN A 194 0.08 -8.92 17.40
C GLN A 194 0.43 -7.60 18.07
N LYS A 195 1.72 -7.38 18.27
CA LYS A 195 2.16 -6.15 18.90
C LYS A 195 1.75 -4.94 18.07
N ILE A 196 1.88 -5.06 16.74
CA ILE A 196 1.46 -3.99 15.84
C ILE A 196 -0.05 -3.75 15.91
N GLN A 197 -0.83 -4.82 15.95
CA GLN A 197 -2.27 -4.69 16.02
C GLN A 197 -2.68 -3.93 17.28
N LEU A 198 -1.99 -4.21 18.39
CA LEU A 198 -2.31 -3.54 19.64
C LEU A 198 -2.02 -2.04 19.53
N ALA A 199 -0.90 -1.71 18.89
CA ALA A 199 -0.50 -0.33 18.69
C ALA A 199 -1.44 0.37 17.73
N LEU A 200 -1.90 -0.36 16.71
CA LEU A 200 -2.85 0.18 15.76
C LEU A 200 -4.16 0.48 16.48
N GLN A 201 -4.60 -0.45 17.30
CA GLN A 201 -5.83 -0.26 18.07
C GLN A 201 -5.64 0.93 19.01
N HIS A 202 -4.46 1.02 19.62
CA HIS A 202 -4.09 2.13 20.50
C HIS A 202 -4.22 3.46 19.78
N VAL A 203 -3.69 3.53 18.56
CA VAL A 203 -3.73 4.74 17.74
C VAL A 203 -5.13 5.11 17.22
N LEU A 204 -5.95 4.10 16.92
CA LEU A 204 -7.29 4.31 16.38
C LEU A 204 -8.25 4.90 17.40
N GLN A 205 -8.28 4.31 18.59
CA GLN A 205 -9.20 4.75 19.63
C GLN A 205 -8.71 6.01 20.35
N LYS A 206 -7.64 6.60 19.83
CA LYS A 206 -7.09 7.82 20.39
C LYS A 206 -7.79 8.98 19.72
N ASN A 207 -8.24 8.74 18.50
CA ASN A 207 -8.89 9.74 17.68
C ASN A 207 -10.40 9.56 17.67
N HIS A 208 -10.84 8.32 17.49
CA HIS A 208 -12.26 8.04 17.31
C HIS A 208 -12.80 6.86 18.11
N ARG A 209 -12.95 7.03 19.42
CA ARG A 209 -13.58 6.00 20.24
C ARG A 209 -15.09 6.04 19.96
N GLU A 210 -15.46 6.72 18.88
CA GLU A 210 -16.85 6.84 18.45
C GLU A 210 -17.37 5.51 17.89
N ASP A 211 -16.47 4.69 17.37
CA ASP A 211 -16.85 3.40 16.80
C ASP A 211 -15.84 2.32 17.20
N GLY A 212 -15.83 1.22 16.45
CA GLY A 212 -14.88 0.13 16.64
C GLY A 212 -14.34 -0.22 15.27
N ILE A 213 -13.74 0.78 14.62
CA ILE A 213 -13.29 0.68 13.23
C ILE A 213 -12.10 -0.27 13.01
N LEU A 214 -11.50 -0.77 14.09
CA LEU A 214 -10.38 -1.69 13.94
C LEU A 214 -10.81 -2.88 13.09
N THR A 215 -11.99 -3.41 13.36
CA THR A 215 -12.48 -4.59 12.62
C THR A 215 -12.82 -4.20 11.19
N LYS A 216 -13.36 -3.00 11.00
CA LYS A 216 -13.66 -2.48 9.67
C LYS A 216 -12.37 -2.34 8.86
N LEU A 217 -11.30 -1.92 9.54
CA LEU A 217 -10.01 -1.79 8.91
C LEU A 217 -9.52 -3.19 8.52
N ILE A 218 -9.49 -4.11 9.49
CA ILE A 218 -9.02 -5.48 9.24
C ILE A 218 -9.89 -6.17 8.19
N CYS A 219 -11.15 -5.77 8.08
CA CYS A 219 -12.05 -6.26 7.05
C CYS A 219 -11.43 -5.98 5.67
N LYS A 220 -10.80 -4.82 5.53
CA LYS A 220 -10.19 -4.43 4.26
C LYS A 220 -9.04 -5.34 3.88
N VAL A 221 -8.43 -5.96 4.88
CA VAL A 221 -7.32 -6.86 4.66
C VAL A 221 -7.64 -7.87 3.58
N SER A 222 -8.85 -8.44 3.64
CA SER A 222 -9.30 -9.42 2.64
C SER A 222 -9.42 -8.78 1.25
N THR A 223 -9.89 -7.54 1.20
CA THR A 223 -10.10 -6.88 -0.08
C THR A 223 -8.78 -6.64 -0.75
N LEU A 224 -7.79 -6.26 0.05
CA LEU A 224 -6.44 -5.99 -0.46
C LEU A 224 -5.86 -7.19 -1.11
N ARG A 225 -6.06 -8.33 -0.47
CA ARG A 225 -5.54 -9.57 -1.00
C ARG A 225 -6.19 -9.89 -2.32
N ALA A 226 -7.47 -9.62 -2.44
CA ALA A 226 -8.19 -9.86 -3.68
C ALA A 226 -7.73 -8.90 -4.76
N LEU A 227 -7.55 -7.65 -4.38
CA LEU A 227 -7.11 -6.65 -5.34
C LEU A 227 -5.72 -7.00 -5.87
N CYS A 228 -4.79 -7.33 -4.98
CA CYS A 228 -3.43 -7.68 -5.37
C CYS A 228 -3.41 -9.02 -6.12
N GLY A 229 -4.30 -9.94 -5.73
CA GLY A 229 -4.40 -11.20 -6.44
C GLY A 229 -4.79 -10.98 -7.90
N ARG A 230 -5.69 -10.03 -8.13
CA ARG A 230 -6.18 -9.72 -9.48
C ARG A 230 -5.05 -9.11 -10.29
N HIS A 231 -4.28 -8.24 -9.64
CA HIS A 231 -3.15 -7.65 -10.32
C HIS A 231 -2.22 -8.73 -10.87
N THR A 232 -1.91 -9.74 -10.05
CA THR A 232 -1.02 -10.85 -10.46
C THR A 232 -1.62 -11.61 -11.63
N GLU A 233 -2.89 -11.96 -11.49
CA GLU A 233 -3.55 -12.75 -12.50
C GLU A 233 -3.45 -12.04 -13.83
N LYS A 234 -3.76 -10.75 -13.83
CA LYS A 234 -3.71 -9.93 -15.03
C LYS A 234 -2.31 -9.77 -15.61
N LEU A 235 -1.32 -9.55 -14.75
CA LEU A 235 0.05 -9.46 -15.18
C LEU A 235 0.45 -10.73 -15.91
N MET A 236 0.07 -11.88 -15.36
CA MET A 236 0.38 -13.16 -16.00
C MET A 236 -0.25 -13.25 -17.38
N ALA A 237 -1.48 -12.81 -17.51
CA ALA A 237 -2.16 -12.86 -18.81
C ALA A 237 -1.49 -11.89 -19.77
N PHE A 238 -1.13 -10.72 -19.28
CA PHE A 238 -0.45 -9.73 -20.10
C PHE A 238 0.89 -10.30 -20.56
N LYS A 239 1.65 -10.88 -19.63
CA LYS A 239 2.97 -11.43 -19.93
C LYS A 239 2.86 -12.52 -21.01
N ALA A 240 1.74 -13.22 -21.02
CA ALA A 240 1.53 -14.28 -22.02
C ALA A 240 1.48 -13.71 -23.43
N ILE A 241 0.94 -12.50 -23.56
CA ILE A 241 0.74 -11.86 -24.85
C ILE A 241 1.94 -11.03 -25.25
N TYR A 242 2.60 -10.42 -24.27
CA TYR A 242 3.74 -9.55 -24.54
C TYR A 242 4.97 -9.96 -23.73
N PRO A 243 5.48 -11.17 -23.95
CA PRO A 243 6.58 -11.69 -23.14
C PRO A 243 7.85 -10.88 -23.23
N ASP A 244 8.15 -10.42 -24.43
CA ASP A 244 9.37 -9.65 -24.64
C ASP A 244 9.26 -8.24 -24.10
N ILE A 245 8.05 -7.69 -24.07
CA ILE A 245 7.88 -6.36 -23.47
C ILE A 245 8.19 -6.49 -21.99
N VAL A 246 7.62 -7.51 -21.36
CA VAL A 246 7.91 -7.70 -19.95
C VAL A 246 9.40 -7.98 -19.74
N ARG A 247 9.97 -8.88 -20.52
CA ARG A 247 11.36 -9.25 -20.33
C ARG A 247 12.30 -8.06 -20.50
N LEU A 248 12.09 -7.27 -21.54
CA LEU A 248 13.03 -6.22 -21.88
C LEU A 248 12.69 -4.85 -21.35
N HIS A 249 11.42 -4.59 -21.03
CA HIS A 249 11.02 -3.22 -20.71
C HIS A 249 10.35 -3.02 -19.35
N PHE A 250 10.06 -4.10 -18.63
CA PHE A 250 9.47 -3.96 -17.30
C PHE A 250 10.59 -3.85 -16.26
N PRO A 251 10.39 -3.07 -15.20
CA PRO A 251 11.40 -2.96 -14.16
C PRO A 251 11.74 -4.31 -13.55
N PRO A 252 13.03 -4.63 -13.45
CA PRO A 252 13.44 -5.88 -12.80
C PRO A 252 12.81 -6.13 -11.42
N LEU A 253 12.75 -5.13 -10.56
CA LEU A 253 12.14 -5.32 -9.23
C LEU A 253 10.70 -5.79 -9.36
N TYR A 254 9.95 -5.16 -10.26
CA TYR A 254 8.56 -5.54 -10.52
C TYR A 254 8.51 -7.02 -10.97
N LYS A 255 9.41 -7.42 -11.87
CA LYS A 255 9.42 -8.80 -12.33
C LYS A 255 9.79 -9.75 -11.21
N GLU A 256 10.74 -9.35 -10.37
CA GLU A 256 11.19 -10.19 -9.25
C GLU A 256 10.03 -10.42 -8.30
N LEU A 257 9.26 -9.37 -8.06
CA LEU A 257 8.20 -9.47 -7.08
C LEU A 257 6.95 -10.20 -7.55
N PHE A 258 6.63 -10.06 -8.83
CA PHE A 258 5.33 -10.49 -9.32
C PHE A 258 5.37 -11.57 -10.37
C1 CLR B . 0.00 4.89 -4.48
C2 CLR B . 0.55 5.86 -3.41
C3 CLR B . 2.06 6.08 -3.61
C4 CLR B . 2.32 6.68 -5.01
C5 CLR B . 1.72 5.79 -6.07
C6 CLR B . 2.46 5.47 -7.13
C7 CLR B . 1.99 4.72 -8.34
C8 CLR B . 0.45 4.58 -8.35
C9 CLR B . -0.08 4.28 -6.92
C10 CLR B . 0.26 5.41 -5.92
C11 CLR B . -1.58 3.94 -6.96
C12 CLR B . -2.00 2.92 -8.07
C13 CLR B . -1.46 3.36 -9.45
C14 CLR B . 0.06 3.44 -9.28
C15 CLR B . 0.62 3.54 -10.70
C16 CLR B . -0.37 2.71 -11.54
C17 CLR B . -1.53 2.30 -10.57
C18 CLR B . -2.07 4.74 -9.85
C19 CLR B . -0.56 6.71 -6.18
C20 CLR B . -2.85 2.14 -11.34
C21 CLR B . -3.96 1.68 -10.36
C22 CLR B . -2.79 1.17 -12.53
C23 CLR B . -2.20 -0.21 -12.24
C24 CLR B . -2.53 -1.18 -13.42
C25 CLR B . -1.87 -2.55 -13.21
C26 CLR B . -2.53 -3.55 -14.19
C27 CLR B . -0.36 -2.44 -13.51
O1 CLR B . 2.59 7.01 -2.66
#